data_7LSP
#
_entry.id   7LSP
#
_entity_poly.entity_id   1
_entity_poly.type   'polypeptide(L)'
_entity_poly.pdbx_seq_one_letter_code
;F(DPN)FDTLKNLAGKVIGALT
;
_entity_poly.pdbx_strand_id   A
#
# COMPACT_ATOMS: atom_id res chain seq x y z
N PHE A 1 -0.38 -2.56 -11.93
CA PHE A 1 -1.39 -3.62 -11.65
C PHE A 1 -0.68 -4.98 -11.59
N PHE A 3 1.12 -8.11 -8.43
CA PHE A 3 1.39 -8.44 -7.04
C PHE A 3 2.07 -7.27 -6.35
N ASP A 4 3.06 -6.70 -7.02
CA ASP A 4 3.79 -5.57 -6.47
C ASP A 4 2.88 -4.37 -6.30
N THR A 5 1.99 -4.14 -7.27
CA THR A 5 1.07 -3.02 -7.19
C THR A 5 0.17 -3.18 -5.97
N LEU A 6 -0.32 -4.39 -5.77
CA LEU A 6 -1.19 -4.68 -4.64
C LEU A 6 -0.44 -4.41 -3.34
N LYS A 7 0.81 -4.83 -3.28
CA LYS A 7 1.62 -4.63 -2.09
C LYS A 7 1.78 -3.14 -1.82
N ASN A 8 2.05 -2.38 -2.88
CA ASN A 8 2.22 -0.94 -2.76
C ASN A 8 0.95 -0.28 -2.23
N LEU A 9 -0.20 -0.75 -2.72
CA LEU A 9 -1.47 -0.19 -2.29
C LEU A 9 -1.67 -0.38 -0.78
N ALA A 10 -1.34 -1.57 -0.30
CA ALA A 10 -1.49 -1.88 1.12
C ALA A 10 -0.56 -1.01 1.96
N GLY A 11 0.66 -0.81 1.48
CA GLY A 11 1.63 0.00 2.19
C GLY A 11 1.19 1.46 2.26
N LYS A 12 0.60 1.94 1.17
CA LYS A 12 0.13 3.31 1.11
C LYS A 12 -0.93 3.56 2.17
N VAL A 13 -1.86 2.62 2.29
CA VAL A 13 -2.94 2.74 3.27
C VAL A 13 -2.38 2.80 4.69
N ILE A 14 -1.43 1.92 4.99
CA ILE A 14 -0.84 1.93 6.33
C ILE A 14 -0.10 3.23 6.56
N GLY A 15 0.65 3.65 5.56
CA GLY A 15 1.38 4.90 5.64
C GLY A 15 0.40 6.06 5.77
N ALA A 16 -0.84 5.82 5.35
CA ALA A 16 -1.86 6.85 5.41
C ALA A 16 -2.28 7.09 6.85
N LEU A 17 -2.45 6.00 7.59
CA LEU A 17 -2.85 6.08 8.99
C LEU A 17 -1.77 6.79 9.80
N THR A 18 -0.52 6.47 9.50
CA THR A 18 0.60 7.08 10.21
C THR A 18 0.68 8.58 9.90
N PHE A 1 -0.03 -2.50 -12.39
CA PHE A 1 -1.08 -3.47 -11.96
C PHE A 1 -0.48 -4.87 -11.83
N PHE A 3 0.97 -8.06 -8.53
CA PHE A 3 1.17 -8.45 -7.14
C PHE A 3 1.91 -7.34 -6.40
N ASP A 4 2.96 -6.82 -7.02
CA ASP A 4 3.73 -5.75 -6.42
C ASP A 4 2.85 -4.52 -6.21
N THR A 5 1.92 -4.31 -7.15
CA THR A 5 1.02 -3.17 -7.05
C THR A 5 0.17 -3.29 -5.79
N LEU A 6 -0.30 -4.50 -5.51
CA LEU A 6 -1.14 -4.75 -4.34
C LEU A 6 -0.37 -4.39 -3.07
N LYS A 7 0.90 -4.77 -3.01
CA LYS A 7 1.72 -4.49 -1.84
C LYS A 7 1.84 -2.98 -1.66
N ASN A 8 2.06 -2.27 -2.75
CA ASN A 8 2.19 -0.81 -2.69
C ASN A 8 0.90 -0.20 -2.18
N LEU A 9 -0.22 -0.74 -2.65
CA LEU A 9 -1.53 -0.24 -2.24
C LEU A 9 -1.71 -0.42 -0.74
N ALA A 10 -1.35 -1.60 -0.24
CA ALA A 10 -1.48 -1.88 1.18
C ALA A 10 -0.54 -0.97 1.99
N GLY A 11 0.66 -0.76 1.47
CA GLY A 11 1.63 0.10 2.14
C GLY A 11 1.14 1.54 2.21
N LYS A 12 0.50 1.98 1.13
CA LYS A 12 -0.02 3.34 1.07
C LYS A 12 -1.06 3.56 2.15
N VAL A 13 -1.97 2.60 2.29
CA VAL A 13 -3.03 2.71 3.29
C VAL A 13 -2.42 2.77 4.70
N ILE A 14 -1.44 1.89 4.96
CA ILE A 14 -0.81 1.89 6.27
C ILE A 14 -0.08 3.21 6.49
N GLY A 15 0.62 3.67 5.46
CA GLY A 15 1.32 4.93 5.54
C GLY A 15 0.33 6.07 5.70
N ALA A 16 -0.91 5.80 5.33
CA ALA A 16 -1.97 6.79 5.42
C ALA A 16 -2.33 7.01 6.89
N LEU A 17 -2.41 5.91 7.62
CA LEU A 17 -2.73 5.98 9.04
C LEU A 17 -1.63 6.74 9.77
N THR A 18 -0.39 6.44 9.40
CA THR A 18 0.76 7.09 10.01
C THR A 18 0.75 8.59 9.70
N PHE A 1 -0.50 -2.51 -11.73
CA PHE A 1 -1.50 -3.61 -11.55
C PHE A 1 -0.77 -4.95 -11.48
N PHE A 3 1.02 -8.07 -8.34
CA PHE A 3 1.34 -8.38 -6.96
C PHE A 3 2.06 -7.19 -6.32
N ASP A 4 3.03 -6.65 -7.05
CA ASP A 4 3.79 -5.51 -6.57
C ASP A 4 2.86 -4.33 -6.34
N THR A 5 1.92 -4.13 -7.26
CA THR A 5 0.97 -3.04 -7.15
C THR A 5 0.11 -3.19 -5.90
N LEU A 6 -0.37 -4.40 -5.65
CA LEU A 6 -1.20 -4.66 -4.48
C LEU A 6 -0.41 -4.38 -3.20
N LYS A 7 0.84 -4.82 -3.18
CA LYS A 7 1.69 -4.61 -2.01
C LYS A 7 1.91 -3.11 -1.76
N ASN A 8 2.19 -2.38 -2.82
CA ASN A 8 2.40 -0.93 -2.71
C ASN A 8 1.13 -0.26 -2.21
N LEU A 9 -0.01 -0.72 -2.71
CA LEU A 9 -1.29 -0.16 -2.30
C LEU A 9 -1.52 -0.36 -0.81
N ALA A 10 -1.21 -1.55 -0.31
CA ALA A 10 -1.39 -1.85 1.11
C ALA A 10 -0.46 -0.98 1.94
N GLY A 11 0.77 -0.80 1.46
CA GLY A 11 1.74 0.02 2.17
C GLY A 11 1.29 1.48 2.20
N LYS A 12 0.70 1.93 1.10
CA LYS A 12 0.22 3.30 1.00
C LYS A 12 -0.85 3.56 2.04
N VAL A 13 -1.78 2.64 2.15
CA VAL A 13 -2.89 2.77 3.11
C VAL A 13 -2.36 2.83 4.55
N ILE A 14 -1.43 1.96 4.90
CA ILE A 14 -0.88 1.96 6.25
C ILE A 14 -0.16 3.27 6.51
N GLY A 15 0.62 3.72 5.53
CA GLY A 15 1.34 4.97 5.68
C GLY A 15 0.35 6.12 5.77
N ALA A 16 -0.88 5.86 5.33
CA ALA A 16 -1.92 6.87 5.38
C ALA A 16 -2.34 7.10 6.82
N LEU A 17 -2.61 6.01 7.52
CA LEU A 17 -3.01 6.08 8.91
C LEU A 17 -1.88 6.64 9.75
N THR A 18 -0.65 6.23 9.43
CA THR A 18 0.54 6.68 10.15
C THR A 18 0.22 6.93 11.63
N PHE A 1 -0.82 -3.08 -12.03
CA PHE A 1 -1.78 -4.06 -11.45
C PHE A 1 -1.08 -5.40 -11.29
N PHE A 3 0.88 -8.22 -7.96
CA PHE A 3 1.27 -8.43 -6.57
C PHE A 3 2.02 -7.20 -6.06
N ASP A 4 2.95 -6.73 -6.87
CA ASP A 4 3.75 -5.56 -6.51
C ASP A 4 2.87 -4.32 -6.38
N THR A 5 1.91 -4.18 -7.28
CA THR A 5 1.00 -3.03 -7.25
C THR A 5 0.17 -3.05 -5.97
N LEU A 6 -0.34 -4.23 -5.64
CA LEU A 6 -1.14 -4.39 -4.45
C LEU A 6 -0.32 -4.07 -3.21
N LYS A 7 0.92 -4.54 -3.20
CA LYS A 7 1.80 -4.30 -2.07
C LYS A 7 2.01 -2.80 -1.89
N ASN A 8 2.26 -2.11 -3.00
CA ASN A 8 2.46 -0.67 -2.97
C ASN A 8 1.20 0.02 -2.47
N LEU A 9 0.04 -0.45 -2.94
CA LEU A 9 -1.24 0.11 -2.52
C LEU A 9 -1.45 -0.09 -1.03
N ALA A 10 -1.13 -1.30 -0.56
CA ALA A 10 -1.29 -1.62 0.85
C ALA A 10 -0.34 -0.77 1.69
N GLY A 11 0.88 -0.60 1.19
CA GLY A 11 1.88 0.19 1.89
C GLY A 11 1.43 1.65 2.02
N LYS A 12 0.85 2.17 0.95
CA LYS A 12 0.38 3.56 0.94
C LYS A 12 -0.69 3.76 2.00
N VAL A 13 -1.63 2.84 2.04
CA VAL A 13 -2.74 2.90 3.00
C VAL A 13 -2.21 2.88 4.43
N ILE A 14 -1.29 1.96 4.71
CA ILE A 14 -0.73 1.87 6.06
C ILE A 14 0.02 3.13 6.42
N GLY A 15 0.81 3.63 5.48
CA GLY A 15 1.56 4.85 5.70
C GLY A 15 0.61 6.02 5.88
N ALA A 16 -0.65 5.83 5.44
CA ALA A 16 -1.65 6.88 5.55
C ALA A 16 -2.32 6.87 6.92
N LEU A 17 -2.60 5.68 7.44
CA LEU A 17 -3.24 5.57 8.74
C LEU A 17 -2.35 6.16 9.83
N THR A 18 -1.06 5.86 9.76
CA THR A 18 -0.10 6.36 10.74
C THR A 18 1.10 6.98 10.04
N PHE A 1 -0.79 -2.66 -11.56
CA PHE A 1 -1.80 -3.76 -11.55
C PHE A 1 -1.07 -5.10 -11.52
N PHE A 3 0.90 -8.22 -8.44
CA PHE A 3 1.30 -8.52 -7.08
C PHE A 3 2.06 -7.35 -6.48
N ASP A 4 2.97 -6.81 -7.29
CA ASP A 4 3.77 -5.67 -6.86
C ASP A 4 2.90 -4.45 -6.57
N THR A 5 1.90 -4.23 -7.43
CA THR A 5 1.00 -3.09 -7.27
C THR A 5 0.20 -3.20 -5.97
N LEU A 6 -0.31 -4.39 -5.70
CA LEU A 6 -1.11 -4.61 -4.50
C LEU A 6 -0.29 -4.34 -3.23
N LYS A 7 0.95 -4.82 -3.21
CA LYS A 7 1.80 -4.62 -2.05
C LYS A 7 2.06 -3.14 -1.79
N ASN A 8 2.35 -2.41 -2.86
CA ASN A 8 2.60 -0.98 -2.75
C ASN A 8 1.35 -0.25 -2.25
N LEU A 9 0.19 -0.67 -2.75
CA LEU A 9 -1.07 -0.05 -2.36
C LEU A 9 -1.32 -0.23 -0.87
N ALA A 10 -1.05 -1.44 -0.36
CA ALA A 10 -1.26 -1.74 1.05
C ALA A 10 -0.36 -0.87 1.93
N GLY A 11 0.88 -0.69 1.50
CA GLY A 11 1.84 0.10 2.26
C GLY A 11 1.40 1.56 2.33
N LYS A 12 0.89 2.08 1.22
CA LYS A 12 0.46 3.47 1.17
C LYS A 12 -0.69 3.70 2.14
N VAL A 13 -1.63 2.76 2.16
CA VAL A 13 -2.78 2.87 3.05
C VAL A 13 -2.34 2.89 4.50
N ILE A 14 -1.43 1.99 4.87
CA ILE A 14 -0.97 1.95 6.25
C ILE A 14 -0.23 3.24 6.60
N GLY A 15 0.60 3.70 5.68
CA GLY A 15 1.32 4.94 5.89
C GLY A 15 0.33 6.09 5.99
N ALA A 16 -0.86 5.86 5.43
CA ALA A 16 -1.91 6.87 5.46
C ALA A 16 -2.44 7.04 6.87
N LEU A 17 -2.63 5.93 7.53
CA LEU A 17 -3.14 5.94 8.90
C LEU A 17 -2.17 6.64 9.84
N THR A 18 -0.88 6.36 9.64
CA THR A 18 0.15 6.97 10.46
C THR A 18 1.51 6.81 9.79
N PHE A 1 -0.71 -3.13 -12.20
CA PHE A 1 -1.61 -4.08 -11.46
C PHE A 1 -0.90 -5.42 -11.31
N PHE A 3 0.93 -8.25 -7.89
CA PHE A 3 1.28 -8.41 -6.48
C PHE A 3 2.05 -7.20 -6.00
N ASP A 4 3.02 -6.77 -6.79
CA ASP A 4 3.84 -5.61 -6.45
C ASP A 4 2.96 -4.36 -6.33
N THR A 5 2.05 -4.21 -7.29
CA THR A 5 1.15 -3.05 -7.30
C THR A 5 0.26 -3.06 -6.07
N LEU A 6 -0.29 -4.22 -5.76
CA LEU A 6 -1.15 -4.36 -4.60
C LEU A 6 -0.37 -4.06 -3.33
N LYS A 7 0.86 -4.55 -3.26
CA LYS A 7 1.70 -4.32 -2.10
C LYS A 7 1.92 -2.82 -1.89
N ASN A 8 2.22 -2.12 -2.98
CA ASN A 8 2.44 -0.68 -2.90
C ASN A 8 1.17 0.03 -2.44
N LEU A 9 0.03 -0.41 -2.95
CA LEU A 9 -1.24 0.19 -2.57
C LEU A 9 -1.49 -0.01 -1.08
N ALA A 10 -1.23 -1.21 -0.60
CA ALA A 10 -1.44 -1.53 0.80
C ALA A 10 -0.51 -0.69 1.67
N GLY A 11 0.71 -0.51 1.22
CA GLY A 11 1.68 0.28 1.97
C GLY A 11 1.21 1.72 2.09
N LYS A 12 0.65 2.25 1.01
CA LYS A 12 0.16 3.62 1.01
C LYS A 12 -0.94 3.78 2.05
N VAL A 13 -1.86 2.83 2.06
CA VAL A 13 -2.97 2.87 3.01
C VAL A 13 -2.43 2.80 4.43
N ILE A 14 -1.48 1.90 4.67
CA ILE A 14 -0.89 1.77 5.99
C ILE A 14 -0.14 3.04 6.36
N GLY A 15 0.61 3.55 5.40
CA GLY A 15 1.35 4.77 5.62
C GLY A 15 0.39 5.91 5.86
N ALA A 16 -0.86 5.73 5.42
CA ALA A 16 -1.87 6.75 5.61
C ALA A 16 -2.31 6.82 7.07
N LEU A 17 -2.48 5.65 7.66
CA LEU A 17 -2.90 5.58 9.06
C LEU A 17 -1.85 6.22 9.96
N THR A 18 -0.58 5.91 9.69
CA THR A 18 0.52 6.47 10.46
C THR A 18 0.39 6.11 11.94
N PHE A 1 -1.11 -2.94 -12.01
CA PHE A 1 -2.06 -3.93 -11.42
C PHE A 1 -1.38 -5.30 -11.36
N PHE A 3 0.82 -8.22 -8.24
CA PHE A 3 1.33 -8.47 -6.90
C PHE A 3 2.12 -7.26 -6.40
N ASP A 4 2.99 -6.75 -7.26
CA ASP A 4 3.81 -5.59 -6.92
C ASP A 4 2.92 -4.37 -6.66
N THR A 5 1.91 -4.20 -7.51
CA THR A 5 1.00 -3.06 -7.37
C THR A 5 0.24 -3.15 -6.05
N LEU A 6 -0.27 -4.34 -5.74
CA LEU A 6 -1.03 -4.53 -4.52
C LEU A 6 -0.16 -4.26 -3.30
N LYS A 7 1.08 -4.74 -3.32
CA LYS A 7 1.99 -4.54 -2.20
C LYS A 7 2.21 -3.05 -1.97
N ASN A 8 2.48 -2.32 -3.05
CA ASN A 8 2.71 -0.88 -2.95
C ASN A 8 1.46 -0.17 -2.46
N LEU A 9 0.30 -0.60 -2.95
CA LEU A 9 -0.96 0.00 -2.55
C LEU A 9 -1.22 -0.20 -1.06
N ALA A 10 -0.98 -1.41 -0.58
CA ALA A 10 -1.21 -1.72 0.83
C ALA A 10 -0.33 -0.86 1.75
N GLY A 11 0.96 -0.77 1.42
CA GLY A 11 1.88 0.01 2.23
C GLY A 11 1.46 1.47 2.32
N LYS A 12 0.95 2.00 1.22
CA LYS A 12 0.51 3.39 1.18
C LYS A 12 -0.62 3.63 2.17
N VAL A 13 -1.56 2.69 2.20
CA VAL A 13 -2.72 2.80 3.08
C VAL A 13 -2.32 2.88 4.56
N ILE A 14 -1.46 1.96 4.99
CA ILE A 14 -1.04 1.97 6.39
C ILE A 14 -0.28 3.25 6.72
N GLY A 15 0.62 3.64 5.83
CA GLY A 15 1.38 4.85 6.03
C GLY A 15 0.45 6.06 6.08
N ALA A 16 -0.74 5.88 5.50
CA ALA A 16 -1.72 6.97 5.46
C ALA A 16 -2.33 7.21 6.83
N LEU A 17 -2.77 6.13 7.47
CA LEU A 17 -3.38 6.24 8.79
C LEU A 17 -2.37 6.75 9.83
N THR A 18 -1.14 6.26 9.74
CA THR A 18 -0.09 6.65 10.68
C THR A 18 -0.54 6.42 12.11
N PHE A 1 -0.77 -2.87 -12.11
CA PHE A 1 -1.69 -3.96 -11.70
C PHE A 1 -0.88 -5.26 -11.56
N PHE A 3 0.81 -8.25 -8.20
CA PHE A 3 1.07 -8.49 -6.79
C PHE A 3 1.87 -7.32 -6.22
N ASP A 4 2.83 -6.84 -7.00
CA ASP A 4 3.66 -5.72 -6.58
C ASP A 4 2.82 -4.47 -6.40
N THR A 5 1.85 -4.28 -7.28
CA THR A 5 0.98 -3.11 -7.21
C THR A 5 0.18 -3.12 -5.91
N LEU A 6 -0.34 -4.30 -5.57
CA LEU A 6 -1.13 -4.45 -4.35
C LEU A 6 -0.27 -4.14 -3.12
N LYS A 7 0.96 -4.63 -3.13
CA LYS A 7 1.86 -4.39 -2.01
C LYS A 7 2.10 -2.91 -1.80
N ASN A 8 2.36 -2.20 -2.90
CA ASN A 8 2.58 -0.76 -2.83
C ASN A 8 1.32 -0.06 -2.33
N LEU A 9 0.18 -0.52 -2.83
CA LEU A 9 -1.10 0.07 -2.45
C LEU A 9 -1.34 -0.11 -0.96
N ALA A 10 -1.05 -1.31 -0.47
CA ALA A 10 -1.25 -1.60 0.96
C ALA A 10 -0.33 -0.74 1.81
N GLY A 11 0.90 -0.55 1.34
CA GLY A 11 1.87 0.26 2.08
C GLY A 11 1.39 1.70 2.19
N LYS A 12 0.84 2.23 1.09
CA LYS A 12 0.35 3.60 1.09
C LYS A 12 -0.77 3.77 2.10
N VAL A 13 -1.68 2.82 2.13
CA VAL A 13 -2.79 2.87 3.07
C VAL A 13 -2.29 2.84 4.51
N ILE A 14 -1.34 1.97 4.80
CA ILE A 14 -0.80 1.90 6.16
C ILE A 14 -0.10 3.21 6.49
N GLY A 15 0.67 3.71 5.54
CA GLY A 15 1.37 4.97 5.73
C GLY A 15 0.36 6.09 5.86
N ALA A 16 -0.86 5.82 5.41
CA ALA A 16 -1.94 6.80 5.48
C ALA A 16 -2.47 6.87 6.91
N LEU A 17 -2.63 5.70 7.51
CA LEU A 17 -3.13 5.60 8.88
C LEU A 17 -2.17 6.28 9.83
N THR A 18 -0.89 5.98 9.64
CA THR A 18 0.16 6.56 10.47
C THR A 18 1.53 6.41 9.81
N PHE A 1 -0.35 -3.10 -11.84
CA PHE A 1 -1.50 -4.03 -11.74
C PHE A 1 -0.99 -5.45 -11.48
N PHE A 3 0.63 -8.28 -7.98
CA PHE A 3 1.01 -8.49 -6.60
C PHE A 3 1.82 -7.31 -6.09
N ASP A 4 2.79 -6.88 -6.90
CA ASP A 4 3.63 -5.75 -6.53
C ASP A 4 2.79 -4.50 -6.39
N THR A 5 1.82 -4.34 -7.29
CA THR A 5 0.95 -3.16 -7.25
C THR A 5 0.15 -3.14 -5.95
N LEU A 6 -0.36 -4.31 -5.57
CA LEU A 6 -1.14 -4.43 -4.35
C LEU A 6 -0.27 -4.08 -3.14
N LYS A 7 0.96 -4.57 -3.18
CA LYS A 7 1.89 -4.33 -2.08
C LYS A 7 2.10 -2.84 -1.89
N ASN A 8 2.33 -2.14 -3.00
CA ASN A 8 2.55 -0.70 -2.96
C ASN A 8 1.31 0.00 -2.43
N LEU A 9 0.14 -0.45 -2.87
CA LEU A 9 -1.12 0.14 -2.43
C LEU A 9 -1.28 -0.02 -0.91
N ALA A 10 -0.97 -1.22 -0.42
CA ALA A 10 -1.10 -1.50 1.01
C ALA A 10 -0.17 -0.59 1.81
N GLY A 11 1.03 -0.39 1.31
CA GLY A 11 2.00 0.46 2.00
C GLY A 11 1.48 1.89 2.09
N LYS A 12 0.88 2.37 1.01
CA LYS A 12 0.34 3.72 0.96
C LYS A 12 -0.75 3.88 2.01
N VAL A 13 -1.66 2.91 2.05
CA VAL A 13 -2.76 2.95 3.02
C VAL A 13 -2.21 2.95 4.44
N ILE A 14 -1.23 2.09 4.69
CA ILE A 14 -0.64 2.01 6.02
C ILE A 14 0.06 3.32 6.34
N GLY A 15 0.80 3.85 5.38
CA GLY A 15 1.49 5.11 5.58
C GLY A 15 0.47 6.20 5.84
N ALA A 16 -0.76 5.92 5.43
CA ALA A 16 -1.85 6.87 5.61
C ALA A 16 -2.49 6.70 6.98
N LEU A 17 -2.58 5.45 7.42
CA LEU A 17 -3.18 5.14 8.71
C LEU A 17 -2.38 5.79 9.84
N THR A 18 -1.06 5.67 9.78
CA THR A 18 -0.19 6.25 10.80
C THR A 18 -0.41 5.55 12.14
N PHE A 1 -1.20 -3.11 -12.59
CA PHE A 1 -1.91 -4.20 -11.88
C PHE A 1 -1.00 -5.41 -11.73
N PHE A 3 1.04 -8.18 -8.34
CA PHE A 3 1.32 -8.44 -6.95
C PHE A 3 2.04 -7.25 -6.32
N ASP A 4 2.99 -6.70 -7.07
CA ASP A 4 3.76 -5.56 -6.60
C ASP A 4 2.85 -4.35 -6.42
N THR A 5 1.90 -4.19 -7.33
CA THR A 5 0.97 -3.07 -7.26
C THR A 5 0.13 -3.16 -5.99
N LEU A 6 -0.34 -4.36 -5.71
CA LEU A 6 -1.15 -4.60 -4.53
C LEU A 6 -0.38 -4.30 -3.26
N LYS A 7 0.88 -4.72 -3.22
CA LYS A 7 1.73 -4.48 -2.05
C LYS A 7 1.95 -2.99 -1.81
N ASN A 8 2.21 -2.25 -2.88
CA ASN A 8 2.43 -0.82 -2.76
C ASN A 8 1.18 -0.12 -2.25
N LEU A 9 0.03 -0.55 -2.75
CA LEU A 9 -1.22 0.05 -2.34
C LEU A 9 -1.45 -0.15 -0.84
N ALA A 10 -1.20 -1.36 -0.37
CA ALA A 10 -1.38 -1.67 1.04
C ALA A 10 -0.43 -0.84 1.90
N GLY A 11 0.80 -0.68 1.43
CA GLY A 11 1.80 0.09 2.16
C GLY A 11 1.39 1.56 2.25
N LYS A 12 0.82 2.07 1.16
CA LYS A 12 0.39 3.46 1.11
C LYS A 12 -0.68 3.72 2.15
N VAL A 13 -1.64 2.81 2.22
CA VAL A 13 -2.75 2.93 3.16
C VAL A 13 -2.23 2.97 4.60
N ILE A 14 -1.31 2.08 4.93
CA ILE A 14 -0.75 2.05 6.27
C ILE A 14 0.01 3.34 6.56
N GLY A 15 0.80 3.77 5.59
CA GLY A 15 1.57 5.00 5.75
C GLY A 15 0.60 6.18 5.88
N ALA A 16 -0.63 5.95 5.46
CA ALA A 16 -1.66 6.98 5.52
C ALA A 16 -2.31 7.02 6.89
N LEU A 17 -2.56 5.84 7.45
CA LEU A 17 -3.18 5.76 8.76
C LEU A 17 -2.28 6.38 9.84
N THR A 18 -0.99 6.09 9.75
CA THR A 18 -0.05 6.64 10.73
C THR A 18 -0.54 6.38 12.15
N PHE A 1 -0.96 -2.51 -11.94
CA PHE A 1 -1.86 -3.63 -11.56
C PHE A 1 -1.05 -4.93 -11.54
N PHE A 3 1.00 -7.98 -8.41
CA PHE A 3 1.30 -8.35 -7.05
C PHE A 3 2.00 -7.20 -6.34
N ASP A 4 2.95 -6.59 -7.02
CA ASP A 4 3.70 -5.48 -6.47
C ASP A 4 2.79 -4.28 -6.23
N THR A 5 1.84 -4.07 -7.15
CA THR A 5 0.91 -2.96 -7.01
C THR A 5 0.09 -3.14 -5.75
N LEU A 6 -0.38 -4.35 -5.53
CA LEU A 6 -1.17 -4.64 -4.36
C LEU A 6 -0.35 -4.37 -3.10
N LYS A 7 0.90 -4.85 -3.11
CA LYS A 7 1.77 -4.64 -1.96
C LYS A 7 2.01 -3.15 -1.74
N ASN A 8 2.27 -2.45 -2.83
CA ASN A 8 2.49 -1.01 -2.75
C ASN A 8 1.23 -0.32 -2.25
N LEU A 9 0.08 -0.78 -2.73
CA LEU A 9 -1.19 -0.21 -2.32
C LEU A 9 -1.40 -0.41 -0.83
N ALA A 10 -1.09 -1.60 -0.35
CA ALA A 10 -1.24 -1.92 1.06
C ALA A 10 -0.32 -1.05 1.91
N GLY A 11 0.90 -0.85 1.45
CA GLY A 11 1.86 -0.03 2.17
C GLY A 11 1.41 1.43 2.22
N LYS A 12 0.86 1.90 1.11
CA LYS A 12 0.39 3.27 1.02
C LYS A 12 -0.71 3.53 2.04
N VAL A 13 -1.66 2.61 2.12
CA VAL A 13 -2.78 2.75 3.04
C VAL A 13 -2.29 2.83 4.48
N ILE A 14 -1.36 1.95 4.84
CA ILE A 14 -0.83 1.96 6.20
C ILE A 14 -0.08 3.26 6.46
N GLY A 15 0.72 3.66 5.49
CA GLY A 15 1.48 4.90 5.62
C GLY A 15 0.54 6.09 5.70
N ALA A 16 -0.70 5.87 5.29
CA ALA A 16 -1.70 6.94 5.30
C ALA A 16 -2.31 7.07 6.69
N LEU A 17 -2.57 5.94 7.33
CA LEU A 17 -3.18 5.95 8.66
C LEU A 17 -2.23 6.65 9.65
N THR A 18 -0.95 6.30 9.58
CA THR A 18 0.03 6.89 10.48
C THR A 18 0.11 8.40 10.25
N PHE A 1 -1.27 -3.83 -13.31
CA PHE A 1 -1.80 -4.57 -12.13
C PHE A 1 -0.86 -5.75 -11.82
N PHE A 3 0.97 -8.19 -8.08
CA PHE A 3 1.15 -8.31 -6.64
C PHE A 3 1.96 -7.12 -6.13
N ASP A 4 2.92 -6.68 -6.93
CA ASP A 4 3.75 -5.54 -6.56
C ASP A 4 2.89 -4.29 -6.41
N THR A 5 1.98 -4.08 -7.35
CA THR A 5 1.09 -2.92 -7.31
C THR A 5 0.21 -2.98 -6.06
N LEU A 6 -0.33 -4.16 -5.80
CA LEU A 6 -1.19 -4.35 -4.64
C LEU A 6 -0.40 -4.10 -3.36
N LYS A 7 0.83 -4.59 -3.32
CA LYS A 7 1.68 -4.42 -2.14
C LYS A 7 1.92 -2.94 -1.86
N ASN A 8 2.25 -2.19 -2.90
CA ASN A 8 2.49 -0.76 -2.74
C ASN A 8 1.22 -0.04 -2.26
N LEU A 9 0.07 -0.44 -2.80
CA LEU A 9 -1.20 0.18 -2.42
C LEU A 9 -1.47 -0.05 -0.94
N ALA A 10 -1.22 -1.27 -0.47
CA ALA A 10 -1.46 -1.60 0.94
C ALA A 10 -0.52 -0.78 1.82
N GLY A 11 0.73 -0.63 1.39
CA GLY A 11 1.71 0.13 2.14
C GLY A 11 1.28 1.59 2.26
N LYS A 12 0.69 2.11 1.19
CA LYS A 12 0.22 3.49 1.17
C LYS A 12 -0.84 3.71 2.24
N VAL A 13 -1.76 2.77 2.35
CA VAL A 13 -2.84 2.86 3.32
C VAL A 13 -2.28 2.92 4.75
N ILE A 14 -1.33 2.06 5.06
CA ILE A 14 -0.73 2.07 6.38
C ILE A 14 0.03 3.36 6.59
N GLY A 15 0.78 3.77 5.58
CA GLY A 15 1.53 5.02 5.66
C GLY A 15 0.56 6.18 5.80
N ALA A 16 -0.70 5.92 5.46
CA ALA A 16 -1.74 6.94 5.55
C ALA A 16 -2.32 6.95 6.97
N LEU A 17 -2.54 5.77 7.51
CA LEU A 17 -3.08 5.62 8.84
C LEU A 17 -2.12 6.24 9.86
N THR A 18 -0.85 5.93 9.69
CA THR A 18 0.20 6.45 10.58
C THR A 18 1.29 7.13 9.77
N PHE A 1 0.15 -2.12 -11.54
CA PHE A 1 -1.01 -3.07 -11.67
C PHE A 1 -0.50 -4.51 -11.60
N PHE A 3 0.63 -7.96 -8.51
CA PHE A 3 0.86 -8.38 -7.13
C PHE A 3 1.71 -7.34 -6.42
N ASP A 4 2.75 -6.86 -7.09
CA ASP A 4 3.63 -5.86 -6.50
C ASP A 4 2.84 -4.58 -6.26
N THR A 5 1.89 -4.29 -7.15
CA THR A 5 1.07 -3.11 -7.00
C THR A 5 0.27 -3.20 -5.71
N LEU A 6 -0.23 -4.40 -5.44
CA LEU A 6 -1.02 -4.64 -4.24
C LEU A 6 -0.20 -4.36 -2.99
N LYS A 7 1.06 -4.75 -3.02
CA LYS A 7 1.93 -4.54 -1.87
C LYS A 7 2.07 -3.05 -1.58
N ASN A 8 2.29 -2.26 -2.62
CA ASN A 8 2.42 -0.83 -2.47
C ASN A 8 1.10 -0.24 -2.01
N LEU A 9 0.02 -0.80 -2.55
CA LEU A 9 -1.31 -0.34 -2.20
C LEU A 9 -1.56 -0.54 -0.72
N ALA A 10 -1.17 -1.70 -0.21
CA ALA A 10 -1.33 -2.01 1.20
C ALA A 10 -0.44 -1.10 2.03
N GLY A 11 0.77 -0.86 1.55
CA GLY A 11 1.71 0.02 2.26
C GLY A 11 1.16 1.44 2.29
N LYS A 12 0.55 1.85 1.17
CA LYS A 12 -0.01 3.18 1.07
C LYS A 12 -1.09 3.37 2.14
N VAL A 13 -1.95 2.36 2.29
CA VAL A 13 -3.00 2.44 3.29
C VAL A 13 -2.40 2.60 4.67
N ILE A 14 -1.38 1.79 4.96
CA ILE A 14 -0.72 1.87 6.25
C ILE A 14 -0.05 3.22 6.39
N GLY A 15 0.60 3.66 5.33
CA GLY A 15 1.26 4.95 5.33
C GLY A 15 0.23 6.05 5.46
N ALA A 16 -1.01 5.71 5.13
CA ALA A 16 -2.10 6.67 5.21
C ALA A 16 -2.46 6.95 6.66
N LEU A 17 -2.53 5.88 7.45
CA LEU A 17 -2.84 6.01 8.87
C LEU A 17 -1.77 6.83 9.57
N THR A 18 -0.52 6.54 9.22
CA THR A 18 0.62 7.25 9.80
C THR A 18 1.87 7.00 8.97
N PHE A 1 -0.72 -2.11 -11.32
CA PHE A 1 -1.70 -3.24 -11.32
C PHE A 1 -0.93 -4.56 -11.38
N PHE A 3 0.80 -7.98 -8.49
CA PHE A 3 1.10 -8.42 -7.13
C PHE A 3 1.89 -7.33 -6.43
N ASP A 4 2.87 -6.80 -7.15
CA ASP A 4 3.70 -5.74 -6.62
C ASP A 4 2.86 -4.49 -6.33
N THR A 5 1.90 -4.23 -7.21
CA THR A 5 1.03 -3.08 -7.04
C THR A 5 0.21 -3.20 -5.76
N LEU A 6 -0.32 -4.39 -5.53
CA LEU A 6 -1.13 -4.63 -4.35
C LEU A 6 -0.30 -4.38 -3.09
N LYS A 7 0.94 -4.87 -3.10
CA LYS A 7 1.81 -4.68 -1.95
C LYS A 7 2.03 -3.18 -1.73
N ASN A 8 2.29 -2.47 -2.81
CA ASN A 8 2.51 -1.03 -2.74
C ASN A 8 1.25 -0.36 -2.20
N LEU A 9 0.11 -0.84 -2.68
CA LEU A 9 -1.17 -0.29 -2.25
C LEU A 9 -1.36 -0.50 -0.75
N ALA A 10 -1.01 -1.70 -0.29
CA ALA A 10 -1.14 -2.03 1.12
C ALA A 10 -0.25 -1.11 1.96
N GLY A 11 0.97 -0.89 1.47
CA GLY A 11 1.91 -0.03 2.17
C GLY A 11 1.44 1.41 2.20
N LYS A 12 0.86 1.86 1.09
CA LYS A 12 0.36 3.23 0.99
C LYS A 12 -0.74 3.48 2.02
N VAL A 13 -1.66 2.53 2.12
CA VAL A 13 -2.78 2.64 3.04
C VAL A 13 -2.29 2.74 4.49
N ILE A 14 -1.34 1.90 4.87
CA ILE A 14 -0.84 1.94 6.24
C ILE A 14 -0.15 3.27 6.53
N GLY A 15 0.66 3.72 5.58
CA GLY A 15 1.35 4.98 5.74
C GLY A 15 0.34 6.12 5.79
N ALA A 16 -0.85 5.83 5.24
CA ALA A 16 -1.92 6.83 5.23
C ALA A 16 -2.47 7.04 6.63
N LEU A 17 -2.64 5.94 7.34
CA LEU A 17 -3.15 5.98 8.70
C LEU A 17 -2.19 6.76 9.61
N THR A 18 -0.90 6.48 9.43
CA THR A 18 0.13 7.17 10.22
C THR A 18 1.50 6.94 9.60
N PHE A 1 -0.64 -2.47 -11.62
CA PHE A 1 -1.59 -3.60 -11.55
C PHE A 1 -0.81 -4.91 -11.49
N PHE A 3 0.91 -8.07 -8.30
CA PHE A 3 1.18 -8.38 -6.92
C PHE A 3 1.96 -7.23 -6.28
N ASP A 4 2.92 -6.71 -7.04
CA ASP A 4 3.72 -5.60 -6.57
C ASP A 4 2.85 -4.37 -6.36
N THR A 5 1.88 -4.18 -7.26
CA THR A 5 0.97 -3.05 -7.16
C THR A 5 0.16 -3.16 -5.88
N LEU A 6 -0.32 -4.37 -5.61
CA LEU A 6 -1.12 -4.62 -4.42
C LEU A 6 -0.30 -4.34 -3.17
N LYS A 7 0.95 -4.77 -3.18
CA LYS A 7 1.84 -4.58 -2.03
C LYS A 7 2.03 -3.09 -1.76
N ASN A 8 2.31 -2.33 -2.81
CA ASN A 8 2.50 -0.88 -2.67
C ASN A 8 1.22 -0.22 -2.18
N LEU A 9 0.09 -0.67 -2.72
CA LEU A 9 -1.20 -0.10 -2.35
C LEU A 9 -1.46 -0.33 -0.86
N ALA A 10 -1.15 -1.53 -0.38
CA ALA A 10 -1.34 -1.86 1.03
C ALA A 10 -0.44 -0.99 1.90
N GLY A 11 0.80 -0.78 1.44
CA GLY A 11 1.75 0.03 2.18
C GLY A 11 1.29 1.48 2.27
N LYS A 12 0.75 1.99 1.17
CA LYS A 12 0.28 3.37 1.11
C LYS A 12 -0.85 3.59 2.11
N VAL A 13 -1.78 2.65 2.15
CA VAL A 13 -2.92 2.76 3.07
C VAL A 13 -2.42 2.80 4.51
N ILE A 14 -1.50 1.91 4.85
CA ILE A 14 -0.95 1.88 6.19
C ILE A 14 -0.21 3.17 6.48
N GLY A 15 0.57 3.61 5.51
CA GLY A 15 1.30 4.85 5.64
C GLY A 15 0.33 6.00 5.75
N ALA A 16 -0.90 5.77 5.29
CA ALA A 16 -1.93 6.78 5.35
C ALA A 16 -2.38 7.00 6.79
N LEU A 17 -2.55 5.90 7.49
CA LEU A 17 -2.97 5.94 8.89
C LEU A 17 -1.91 6.65 9.73
N THR A 18 -0.66 6.33 9.48
CA THR A 18 0.45 6.94 10.21
C THR A 18 1.78 6.64 9.53
N PHE A 1 -0.49 -2.30 -11.64
CA PHE A 1 -1.41 -3.47 -11.68
C PHE A 1 -0.57 -4.76 -11.65
N PHE A 3 1.15 -8.02 -8.63
CA PHE A 3 1.39 -8.42 -7.26
C PHE A 3 2.05 -7.26 -6.51
N ASP A 4 2.98 -6.60 -7.18
CA ASP A 4 3.69 -5.48 -6.58
C ASP A 4 2.72 -4.33 -6.32
N THR A 5 1.74 -4.16 -7.20
CA THR A 5 0.76 -3.09 -7.04
C THR A 5 -0.04 -3.28 -5.76
N LEU A 6 -0.48 -4.51 -5.52
CA LEU A 6 -1.25 -4.82 -4.33
C LEU A 6 -0.43 -4.53 -3.07
N LYS A 7 0.84 -4.92 -3.10
CA LYS A 7 1.72 -4.69 -1.96
C LYS A 7 1.89 -3.19 -1.73
N ASN A 8 2.12 -2.47 -2.83
CA ASN A 8 2.30 -1.03 -2.75
C ASN A 8 1.02 -0.38 -2.22
N LEU A 9 -0.12 -0.89 -2.66
CA LEU A 9 -1.41 -0.35 -2.23
C LEU A 9 -1.58 -0.50 -0.72
N ALA A 10 -1.24 -1.69 -0.20
CA ALA A 10 -1.38 -1.95 1.23
C ALA A 10 -0.45 -1.06 2.04
N GLY A 11 0.77 -0.88 1.55
CA GLY A 11 1.74 -0.03 2.24
C GLY A 11 1.29 1.42 2.23
N LYS A 12 0.69 1.84 1.14
CA LYS A 12 0.21 3.21 1.01
C LYS A 12 -0.83 3.52 2.08
N VAL A 13 -1.78 2.60 2.23
CA VAL A 13 -2.84 2.76 3.22
C VAL A 13 -2.28 2.88 4.63
N ILE A 14 -1.33 2.01 4.98
CA ILE A 14 -0.74 2.05 6.31
C ILE A 14 0.03 3.35 6.50
N GLY A 15 0.79 3.76 5.49
CA GLY A 15 1.54 5.00 5.58
C GLY A 15 0.59 6.19 5.67
N ALA A 16 -0.67 5.95 5.30
CA ALA A 16 -1.68 7.00 5.32
C ALA A 16 -2.26 7.16 6.72
N LEU A 17 -2.48 6.04 7.39
CA LEU A 17 -3.04 6.05 8.74
C LEU A 17 -2.08 6.76 9.71
N THR A 18 -0.80 6.43 9.61
CA THR A 18 0.20 7.05 10.47
C THR A 18 1.61 6.68 10.03
N PHE A 1 -1.54 -3.40 -12.85
CA PHE A 1 -1.88 -4.10 -11.58
C PHE A 1 -0.98 -5.33 -11.42
N PHE A 3 0.96 -8.10 -7.98
CA PHE A 3 1.21 -8.36 -6.56
C PHE A 3 2.04 -7.20 -6.02
N ASP A 4 3.03 -6.77 -6.78
CA ASP A 4 3.87 -5.65 -6.38
C ASP A 4 3.02 -4.40 -6.24
N THR A 5 2.13 -4.20 -7.21
CA THR A 5 1.24 -3.05 -7.20
C THR A 5 0.33 -3.08 -5.99
N LEU A 6 -0.23 -4.26 -5.72
CA LEU A 6 -1.13 -4.43 -4.58
C LEU A 6 -0.40 -4.13 -3.28
N LYS A 7 0.83 -4.61 -3.16
CA LYS A 7 1.62 -4.38 -1.95
C LYS A 7 1.83 -2.88 -1.77
N ASN A 8 2.13 -2.21 -2.87
CA ASN A 8 2.36 -0.77 -2.84
C ASN A 8 1.10 -0.05 -2.37
N LEU A 9 -0.05 -0.51 -2.86
CA LEU A 9 -1.33 0.09 -2.47
C LEU A 9 -1.56 -0.09 -0.97
N ALA A 10 -1.28 -1.29 -0.47
CA ALA A 10 -1.46 -1.58 0.94
C ALA A 10 -0.51 -0.72 1.76
N GLY A 11 0.72 -0.56 1.27
CA GLY A 11 1.72 0.24 1.96
C GLY A 11 1.27 1.70 2.04
N LYS A 12 0.68 2.20 0.96
CA LYS A 12 0.21 3.58 0.94
C LYS A 12 -0.86 3.77 2.00
N VAL A 13 -1.78 2.82 2.07
CA VAL A 13 -2.87 2.89 3.05
C VAL A 13 -2.29 2.88 4.46
N ILE A 14 -1.33 1.99 4.71
CA ILE A 14 -0.71 1.92 6.04
C ILE A 14 0.04 3.21 6.31
N GLY A 15 0.76 3.69 5.32
CA GLY A 15 1.50 4.93 5.46
C GLY A 15 0.53 6.08 5.70
N ALA A 16 -0.74 5.84 5.37
CA ALA A 16 -1.78 6.84 5.55
C ALA A 16 -2.32 6.83 6.97
N LEU A 17 -2.50 5.63 7.51
CA LEU A 17 -3.01 5.48 8.87
C LEU A 17 -2.04 6.08 9.89
N THR A 18 -0.75 5.82 9.69
CA THR A 18 0.28 6.34 10.57
C THR A 18 1.67 6.13 9.97
N PHE A 1 -0.43 -2.91 -11.77
CA PHE A 1 -1.42 -4.01 -11.86
C PHE A 1 -0.71 -5.35 -11.68
N PHE A 3 1.14 -8.20 -8.32
CA PHE A 3 1.46 -8.46 -6.93
C PHE A 3 2.11 -7.23 -6.31
N ASP A 4 3.03 -6.65 -7.04
CA ASP A 4 3.74 -5.46 -6.58
C ASP A 4 2.77 -4.30 -6.40
N THR A 5 1.80 -4.18 -7.30
CA THR A 5 0.82 -3.11 -7.22
C THR A 5 0.00 -3.24 -5.95
N LEU A 6 -0.41 -4.47 -5.67
CA LEU A 6 -1.21 -4.72 -4.48
C LEU A 6 -0.41 -4.37 -3.23
N LYS A 7 0.85 -4.78 -3.20
CA LYS A 7 1.70 -4.50 -2.05
C LYS A 7 1.88 -3.00 -1.86
N ASN A 8 2.13 -2.30 -2.96
CA ASN A 8 2.32 -0.86 -2.88
C ASN A 8 1.05 -0.18 -2.39
N LEU A 9 -0.10 -0.66 -2.86
CA LEU A 9 -1.38 -0.07 -2.47
C LEU A 9 -1.59 -0.22 -0.96
N ALA A 10 -1.30 -1.40 -0.43
CA ALA A 10 -1.47 -1.66 0.99
C ALA A 10 -0.50 -0.82 1.82
N GLY A 11 0.72 -0.65 1.33
CA GLY A 11 1.72 0.13 2.05
C GLY A 11 1.29 1.59 2.14
N LYS A 12 0.72 2.10 1.06
CA LYS A 12 0.28 3.50 1.03
C LYS A 12 -0.80 3.74 2.09
N VAL A 13 -1.75 2.83 2.16
CA VAL A 13 -2.85 2.94 3.12
C VAL A 13 -2.32 2.93 4.56
N ILE A 14 -1.40 2.03 4.86
CA ILE A 14 -0.86 1.95 6.22
C ILE A 14 -0.12 3.23 6.57
N GLY A 15 0.68 3.72 5.63
CA GLY A 15 1.42 4.95 5.85
C GLY A 15 0.46 6.11 6.02
N ALA A 16 -0.76 5.92 5.53
CA ALA A 16 -1.78 6.95 5.62
C ALA A 16 -2.27 7.08 7.05
N LEU A 17 -2.50 5.93 7.68
CA LEU A 17 -2.98 5.90 9.05
C LEU A 17 -1.94 6.54 9.99
N THR A 18 -0.68 6.20 9.77
CA THR A 18 0.39 6.73 10.59
C THR A 18 0.51 8.25 10.41
N PHE A 1 -0.51 -2.85 -11.89
CA PHE A 1 -1.56 -3.88 -11.61
C PHE A 1 -0.89 -5.24 -11.42
N PHE A 3 0.84 -8.08 -7.98
CA PHE A 3 1.21 -8.25 -6.59
C PHE A 3 2.04 -7.06 -6.13
N ASP A 4 3.00 -6.68 -6.96
CA ASP A 4 3.85 -5.55 -6.65
C ASP A 4 3.00 -4.30 -6.46
N THR A 5 2.07 -4.10 -7.39
CA THR A 5 1.17 -2.96 -7.32
C THR A 5 0.30 -3.04 -6.07
N LEU A 6 -0.23 -4.22 -5.81
CA LEU A 6 -1.08 -4.42 -4.64
C LEU A 6 -0.29 -4.16 -3.36
N LYS A 7 0.94 -4.65 -3.33
CA LYS A 7 1.79 -4.47 -2.15
C LYS A 7 1.99 -2.99 -1.86
N ASN A 8 2.30 -2.24 -2.91
CA ASN A 8 2.51 -0.80 -2.76
C ASN A 8 1.23 -0.11 -2.30
N LEU A 9 0.10 -0.54 -2.86
CA LEU A 9 -1.19 0.04 -2.50
C LEU A 9 -1.49 -0.23 -1.02
N ALA A 10 -1.23 -1.46 -0.58
CA ALA A 10 -1.49 -1.82 0.81
C ALA A 10 -0.63 -0.98 1.75
N GLY A 11 0.65 -0.85 1.41
CA GLY A 11 1.56 -0.07 2.24
C GLY A 11 1.12 1.38 2.30
N LYS A 12 0.56 1.86 1.19
CA LYS A 12 0.07 3.23 1.11
C LYS A 12 -0.99 3.47 2.17
N VAL A 13 -1.91 2.51 2.28
CA VAL A 13 -3.00 2.62 3.24
C VAL A 13 -2.45 2.72 4.67
N ILE A 14 -1.52 1.85 5.01
CA ILE A 14 -0.91 1.88 6.34
C ILE A 14 -0.13 3.18 6.53
N GLY A 15 0.62 3.57 5.52
CA GLY A 15 1.39 4.80 5.60
C GLY A 15 0.43 5.98 5.73
N ALA A 16 -0.82 5.77 5.33
CA ALA A 16 -1.83 6.81 5.41
C ALA A 16 -2.26 7.03 6.85
N LEU A 17 -2.47 5.93 7.56
CA LEU A 17 -2.90 5.99 8.94
C LEU A 17 -1.85 6.68 9.80
N THR A 18 -0.59 6.34 9.56
CA THR A 18 0.51 6.92 10.31
C THR A 18 0.37 6.63 11.81
N PHE A 1 -0.57 -2.69 -12.34
CA PHE A 1 -1.37 -3.75 -11.67
C PHE A 1 -0.54 -5.02 -11.58
N PHE A 3 1.37 -8.01 -8.35
CA PHE A 3 1.64 -8.35 -6.96
C PHE A 3 2.21 -7.12 -6.25
N ASP A 4 3.16 -6.46 -6.88
CA ASP A 4 3.79 -5.28 -6.30
C ASP A 4 2.76 -4.15 -6.14
N THR A 5 1.87 -4.02 -7.11
CA THR A 5 0.86 -2.97 -7.03
C THR A 5 -0.01 -3.19 -5.79
N LEU A 6 -0.41 -4.43 -5.59
CA LEU A 6 -1.24 -4.78 -4.45
C LEU A 6 -0.48 -4.47 -3.16
N LYS A 7 0.80 -4.83 -3.14
CA LYS A 7 1.64 -4.59 -1.97
C LYS A 7 1.76 -3.09 -1.73
N ASN A 8 2.00 -2.36 -2.81
CA ASN A 8 2.14 -0.91 -2.74
C ASN A 8 0.84 -0.27 -2.25
N LEU A 9 -0.28 -0.79 -2.74
CA LEU A 9 -1.58 -0.27 -2.34
C LEU A 9 -1.78 -0.42 -0.83
N ALA A 10 -1.43 -1.59 -0.31
CA ALA A 10 -1.57 -1.87 1.11
C ALA A 10 -0.64 -0.96 1.91
N GLY A 11 0.58 -0.78 1.41
CA GLY A 11 1.55 0.06 2.08
C GLY A 11 1.11 1.52 2.07
N LYS A 12 0.45 1.93 1.00
CA LYS A 12 -0.02 3.31 0.89
C LYS A 12 -1.03 3.61 1.99
N VAL A 13 -1.99 2.71 2.15
CA VAL A 13 -3.03 2.89 3.15
C VAL A 13 -2.45 2.93 4.56
N ILE A 14 -1.57 1.99 4.88
CA ILE A 14 -0.99 1.96 6.21
C ILE A 14 -0.14 3.21 6.44
N GLY A 15 0.57 3.62 5.40
CA GLY A 15 1.40 4.81 5.49
C GLY A 15 0.53 6.03 5.68
N ALA A 16 -0.74 5.90 5.29
CA ALA A 16 -1.69 7.01 5.43
C ALA A 16 -2.03 7.23 6.89
N LEU A 17 -2.39 6.16 7.56
CA LEU A 17 -2.74 6.22 8.97
C LEU A 17 -1.55 6.64 9.81
N THR A 18 -0.39 6.08 9.48
CA THR A 18 0.84 6.39 10.20
C THR A 18 0.57 6.61 11.69
#